data_8RUV
#
_entry.id   8RUV
#
_cell.length_a   38.116
_cell.length_b   42.956
_cell.length_c   130.508
_cell.angle_alpha   90.000
_cell.angle_beta   90.000
_cell.angle_gamma   90.000
#
_symmetry.space_group_name_H-M   'P 21 2 21'
#
loop_
_entity.id
_entity.type
_entity.pdbx_description
1 polymer 'Egl nine homolog 1'
2 polymer 'Hypoxia-inducible Factor-2alpha'
3 non-polymer 'FE (III) ION'
4 non-polymer '2-OXOGLUTARIC ACID'
5 water water
#
loop_
_entity_poly.entity_id
_entity_poly.type
_entity_poly.pdbx_seq_one_letter_code
_entity_poly.pdbx_strand_id
1 'polypeptide(L)'
;PNGQTKPLPALKLALEYIVPCMNKHGICVVDDFLGKETGQQIGDEVRALHDTGKFTDGQLVSQKSDSSKDIRGDKITWIE
GKEPGCETIGLLMSSMDDLIRHCNGKLGSYKINGRTKAMVACYPGNGTGYVRHVDNPNGDGRCVTCIYYLNKDWDAKVSG
GILRIFPEGKAQFADIEPKFDRLLFFWSDRRNPHEVQPAYATRYAIIVWYFDADERARAKVKYLTGE
;
A
2 'polypeptide(L)' LDLETLAPYIPMDGEDFQL B
#
loop_
_chem_comp.id
_chem_comp.type
_chem_comp.name
_chem_comp.formula
AKG non-polymer '2-OXOGLUTARIC ACID' 'C5 H6 O5'
FE non-polymer 'FE (III) ION' 'Fe 3'
#
# COMPACT_ATOMS: atom_id res chain seq x y z
N PRO A 9 10.86 12.73 -13.29
CA PRO A 9 11.45 13.78 -12.44
C PRO A 9 10.66 13.99 -11.16
N ALA A 10 11.28 13.63 -10.03
CA ALA A 10 10.56 13.57 -8.76
C ALA A 10 10.05 14.93 -8.32
N LEU A 11 10.89 15.97 -8.46
CA LEU A 11 10.51 17.28 -7.93
C LEU A 11 9.18 17.74 -8.52
N LYS A 12 9.07 17.77 -9.85
CA LYS A 12 7.87 18.31 -10.48
C LYS A 12 6.67 17.39 -10.25
N LEU A 13 6.88 16.08 -10.37
CA LEU A 13 5.78 15.13 -10.14
C LEU A 13 5.22 15.30 -8.73
N ALA A 14 6.09 15.47 -7.74
CA ALA A 14 5.64 15.62 -6.37
C ALA A 14 4.94 16.96 -6.14
N LEU A 15 5.59 18.06 -6.52
CA LEU A 15 5.08 19.38 -6.12
C LEU A 15 3.92 19.86 -6.99
N GLU A 16 3.90 19.52 -8.27
CA GLU A 16 2.88 20.05 -9.17
C GLU A 16 1.74 19.09 -9.42
N TYR A 17 1.88 17.81 -9.08
CA TYR A 17 0.77 16.86 -9.19
C TYR A 17 0.42 16.17 -7.88
N ILE A 18 1.38 15.50 -7.21
CA ILE A 18 0.99 14.64 -6.10
C ILE A 18 0.50 15.46 -4.91
N VAL A 19 1.20 16.54 -4.57
CA VAL A 19 0.83 17.35 -3.42
C VAL A 19 -0.57 17.94 -3.61
N PRO A 20 -0.84 18.69 -4.69
CA PRO A 20 -2.19 19.24 -4.84
C PRO A 20 -3.27 18.17 -4.93
N CYS A 21 -2.98 17.05 -5.61
N CYS A 21 -2.98 17.04 -5.59
CA CYS A 21 -3.94 15.94 -5.69
CA CYS A 21 -3.96 15.96 -5.68
C CYS A 21 -4.28 15.44 -4.29
C CYS A 21 -4.29 15.41 -4.31
N MET A 22 -3.26 15.15 -3.49
CA MET A 22 -3.48 14.61 -2.16
C MET A 22 -4.22 15.61 -1.27
N ASN A 23 -3.86 16.88 -1.34
CA ASN A 23 -4.48 17.86 -0.44
C ASN A 23 -5.92 18.15 -0.84
N LYS A 24 -6.26 18.04 -2.13
CA LYS A 24 -7.62 18.30 -2.57
C LYS A 24 -8.52 17.08 -2.48
N HIS A 25 -7.99 15.89 -2.75
CA HIS A 25 -8.80 14.69 -2.92
C HIS A 25 -8.42 13.55 -1.98
N GLY A 26 -7.22 13.57 -1.41
CA GLY A 26 -6.78 12.46 -0.60
C GLY A 26 -6.46 11.20 -1.38
N ILE A 27 -6.47 11.29 -2.71
CA ILE A 27 -6.16 10.18 -3.58
C ILE A 27 -5.41 10.73 -4.78
N CYS A 28 -4.39 10.00 -5.23
CA CYS A 28 -3.59 10.44 -6.37
C CYS A 28 -3.09 9.23 -7.15
N VAL A 29 -3.41 9.18 -8.44
CA VAL A 29 -2.99 8.10 -9.33
C VAL A 29 -1.94 8.63 -10.29
N VAL A 30 -0.82 7.90 -10.38
CA VAL A 30 0.27 8.19 -11.31
C VAL A 30 0.41 6.96 -12.20
N ASP A 31 -0.05 7.07 -13.45
CA ASP A 31 0.02 5.93 -14.36
C ASP A 31 1.39 5.87 -15.03
N ASP A 32 1.76 4.66 -15.45
CA ASP A 32 3.03 4.43 -16.16
C ASP A 32 4.20 4.98 -15.36
N PHE A 33 4.27 4.55 -14.10
CA PHE A 33 5.22 5.13 -13.15
C PHE A 33 6.67 4.83 -13.53
N LEU A 34 6.97 3.57 -13.84
CA LEU A 34 8.35 3.14 -14.06
C LEU A 34 8.63 2.65 -15.46
N GLY A 35 7.61 2.45 -16.29
CA GLY A 35 7.82 1.91 -17.61
C GLY A 35 7.69 0.40 -17.65
N LYS A 36 7.48 -0.12 -18.87
CA LYS A 36 7.15 -1.52 -19.04
C LYS A 36 8.29 -2.45 -18.63
N GLU A 37 9.52 -2.10 -18.96
N GLU A 37 9.53 -2.09 -18.96
N GLU A 37 9.53 -2.09 -18.96
CA GLU A 37 10.65 -2.97 -18.66
CA GLU A 37 10.65 -2.97 -18.66
CA GLU A 37 10.65 -2.97 -18.66
C GLU A 37 10.81 -3.16 -17.16
C GLU A 37 10.81 -3.16 -17.16
C GLU A 37 10.81 -3.16 -17.16
N THR A 38 10.87 -2.06 -16.40
CA THR A 38 11.01 -2.16 -14.95
C THR A 38 9.79 -2.81 -14.31
N GLY A 39 8.59 -2.47 -14.78
CA GLY A 39 7.40 -3.10 -14.26
C GLY A 39 7.42 -4.60 -14.45
N GLN A 40 7.90 -5.05 -15.62
CA GLN A 40 7.97 -6.49 -15.88
C GLN A 40 9.04 -7.16 -15.03
N GLN A 41 10.18 -6.48 -14.83
CA GLN A 41 11.18 -7.05 -13.92
C GLN A 41 10.61 -7.22 -12.51
N ILE A 42 9.90 -6.20 -12.03
CA ILE A 42 9.26 -6.30 -10.72
C ILE A 42 8.27 -7.46 -10.70
N GLY A 43 7.51 -7.63 -11.78
CA GLY A 43 6.58 -8.74 -11.85
C GLY A 43 7.26 -10.09 -11.76
N ASP A 44 8.40 -10.24 -12.45
CA ASP A 44 9.13 -11.51 -12.36
C ASP A 44 9.61 -11.75 -10.95
N GLU A 45 10.12 -10.71 -10.28
CA GLU A 45 10.58 -10.88 -8.90
C GLU A 45 9.42 -11.28 -7.97
N VAL A 46 8.27 -10.64 -8.13
CA VAL A 46 7.11 -10.98 -7.31
C VAL A 46 6.66 -12.42 -7.57
N ARG A 47 6.65 -12.82 -8.84
CA ARG A 47 6.22 -14.19 -9.15
C ARG A 47 7.23 -15.21 -8.66
N ALA A 48 8.51 -14.83 -8.57
CA ALA A 48 9.51 -15.69 -7.95
C ALA A 48 9.24 -15.85 -6.46
N LEU A 49 8.92 -14.75 -5.78
CA LEU A 49 8.55 -14.85 -4.37
C LEU A 49 7.35 -15.78 -4.20
N HIS A 50 6.33 -15.59 -5.03
CA HIS A 50 5.14 -16.45 -4.99
C HIS A 50 5.52 -17.91 -5.20
N ASP A 51 6.31 -18.19 -6.23
CA ASP A 51 6.58 -19.56 -6.65
C ASP A 51 7.44 -20.32 -5.65
N THR A 52 8.17 -19.62 -4.79
CA THR A 52 9.06 -20.26 -3.82
C THR A 52 8.46 -20.28 -2.42
N GLY A 53 7.15 -20.10 -2.29
CA GLY A 53 6.47 -20.29 -1.02
C GLY A 53 6.70 -19.20 0.02
N LYS A 54 6.97 -17.97 -0.42
CA LYS A 54 7.27 -16.89 0.52
C LYS A 54 6.00 -16.28 1.12
N PHE A 55 4.86 -16.36 0.45
CA PHE A 55 3.68 -15.64 0.88
C PHE A 55 2.98 -16.40 2.01
N THR A 56 2.42 -15.64 2.96
CA THR A 56 1.65 -16.19 4.06
C THR A 56 0.40 -15.35 4.25
N ASP A 57 -0.59 -15.91 4.95
CA ASP A 57 -1.89 -15.27 5.10
C ASP A 57 -1.75 -13.84 5.61
N GLY A 58 -2.42 -12.92 4.94
CA GLY A 58 -2.43 -11.54 5.41
C GLY A 58 -3.09 -11.44 6.78
N GLN A 59 -2.50 -10.60 7.64
CA GLN A 59 -2.91 -10.47 9.03
C GLN A 59 -3.55 -9.11 9.28
N LEU A 60 -4.21 -9.00 10.43
CA LEU A 60 -4.91 -7.80 10.84
C LEU A 60 -4.25 -7.23 12.10
N VAL A 61 -4.49 -5.94 12.33
CA VAL A 61 -3.89 -5.26 13.47
C VAL A 61 -4.33 -5.94 14.77
N SER A 62 -5.63 -6.18 14.91
CA SER A 62 -6.20 -6.79 16.09
CA SER A 62 -6.20 -6.79 16.09
C SER A 62 -6.89 -8.09 15.67
N GLN A 63 -6.37 -9.21 16.17
CA GLN A 63 -6.91 -10.53 15.85
C GLN A 63 -7.85 -10.95 16.97
N LYS A 64 -9.01 -11.48 16.59
CA LYS A 64 -10.05 -11.88 17.54
C LYS A 64 -10.60 -13.21 17.04
N SER A 65 -11.84 -13.55 17.46
CA SER A 65 -12.38 -14.88 17.22
C SER A 65 -12.44 -15.25 15.74
N ASP A 66 -12.45 -14.29 14.83
CA ASP A 66 -12.68 -14.58 13.42
C ASP A 66 -11.38 -14.88 12.67
N SER A 67 -11.51 -15.70 11.63
CA SER A 67 -10.39 -16.00 10.74
C SER A 67 -10.00 -14.77 9.93
N SER A 68 -8.68 -14.57 9.78
CA SER A 68 -8.19 -13.48 8.95
C SER A 68 -8.69 -13.62 7.51
N LYS A 69 -8.90 -14.85 7.04
CA LYS A 69 -9.38 -15.06 5.68
C LYS A 69 -10.83 -14.65 5.49
N ASP A 70 -11.58 -14.45 6.58
CA ASP A 70 -12.90 -13.86 6.50
C ASP A 70 -12.84 -12.36 6.22
N ILE A 71 -11.65 -11.77 6.32
CA ILE A 71 -11.46 -10.33 6.24
C ILE A 71 -10.65 -9.95 5.01
N ARG A 72 -9.49 -10.57 4.83
CA ARG A 72 -8.64 -10.34 3.68
C ARG A 72 -8.19 -11.70 3.15
N GLY A 73 -8.30 -11.89 1.84
CA GLY A 73 -8.00 -13.19 1.25
C GLY A 73 -6.67 -13.27 0.56
N ASP A 74 -5.78 -12.32 0.82
CA ASP A 74 -4.49 -12.27 0.17
C ASP A 74 -3.41 -12.93 1.02
N LYS A 75 -2.30 -13.25 0.35
CA LYS A 75 -1.10 -13.81 0.98
C LYS A 75 0.05 -12.88 0.65
N ILE A 76 0.90 -12.61 1.66
N ILE A 76 0.90 -12.60 1.65
CA ILE A 76 1.84 -11.51 1.62
CA ILE A 76 1.83 -11.50 1.59
C ILE A 76 3.21 -11.93 2.12
C ILE A 76 3.21 -11.92 2.11
N THR A 77 4.20 -11.10 1.79
CA THR A 77 5.52 -11.19 2.43
C THR A 77 6.09 -9.78 2.51
N TRP A 78 7.02 -9.59 3.44
CA TRP A 78 7.60 -8.27 3.70
C TRP A 78 9.00 -8.20 3.11
N ILE A 79 9.29 -7.11 2.40
CA ILE A 79 10.51 -6.96 1.62
C ILE A 79 11.18 -5.65 2.02
N GLU A 80 12.47 -5.72 2.32
CA GLU A 80 13.25 -4.53 2.67
CA GLU A 80 13.25 -4.53 2.67
C GLU A 80 13.78 -3.81 1.44
N GLY A 81 14.04 -4.54 0.35
CA GLY A 81 14.55 -3.96 -0.88
C GLY A 81 15.96 -4.37 -1.23
N LYS A 82 16.70 -4.95 -0.29
CA LYS A 82 18.08 -5.38 -0.51
C LYS A 82 18.23 -6.89 -0.67
N GLU A 83 17.14 -7.63 -0.56
CA GLU A 83 17.22 -9.09 -0.64
C GLU A 83 17.65 -9.51 -2.04
N PRO A 84 18.42 -10.59 -2.15
CA PRO A 84 18.75 -11.11 -3.49
C PRO A 84 17.47 -11.47 -4.25
N GLY A 85 17.41 -11.06 -5.51
CA GLY A 85 16.23 -11.28 -6.32
C GLY A 85 15.12 -10.29 -6.09
N CYS A 86 15.30 -9.29 -5.22
CA CYS A 86 14.31 -8.24 -4.97
C CYS A 86 14.89 -6.86 -5.28
N GLU A 87 15.89 -6.81 -6.16
CA GLU A 87 16.59 -5.56 -6.43
C GLU A 87 15.69 -4.54 -7.12
N THR A 88 14.83 -4.99 -8.05
CA THR A 88 13.95 -4.06 -8.73
C THR A 88 12.80 -3.62 -7.85
N ILE A 89 12.32 -4.50 -6.96
CA ILE A 89 11.41 -4.06 -5.91
C ILE A 89 12.08 -2.98 -5.06
N GLY A 90 13.39 -3.13 -4.81
CA GLY A 90 14.13 -2.11 -4.10
C GLY A 90 14.17 -0.79 -4.86
N LEU A 91 14.34 -0.85 -6.19
CA LEU A 91 14.30 0.37 -6.99
C LEU A 91 12.93 1.03 -6.91
N LEU A 92 11.86 0.25 -7.01
CA LEU A 92 10.52 0.77 -6.81
C LEU A 92 10.40 1.49 -5.47
N MET A 93 10.87 0.83 -4.40
CA MET A 93 10.75 1.40 -3.06
C MET A 93 11.53 2.71 -2.96
N SER A 94 12.73 2.76 -3.53
N SER A 94 12.74 2.75 -3.54
CA SER A 94 13.52 3.98 -3.46
CA SER A 94 13.54 3.96 -3.49
C SER A 94 12.88 5.11 -4.29
C SER A 94 12.87 5.10 -4.28
N SER A 95 12.23 4.78 -5.41
CA SER A 95 11.51 5.81 -6.17
C SER A 95 10.32 6.37 -5.40
N MET A 96 9.56 5.47 -4.75
CA MET A 96 8.51 5.88 -3.83
C MET A 96 9.06 6.85 -2.78
N ASP A 97 10.15 6.45 -2.13
CA ASP A 97 10.75 7.26 -1.08
C ASP A 97 11.19 8.62 -1.61
N ASP A 98 11.75 8.64 -2.83
N ASP A 98 11.75 8.64 -2.83
CA ASP A 98 12.19 9.90 -3.42
CA ASP A 98 12.19 9.89 -3.43
C ASP A 98 11.01 10.86 -3.59
C ASP A 98 11.01 10.86 -3.59
N LEU A 99 9.89 10.36 -4.11
CA LEU A 99 8.72 11.21 -4.27
C LEU A 99 8.28 11.76 -2.91
N ILE A 100 8.19 10.87 -1.91
CA ILE A 100 7.72 11.29 -0.59
C ILE A 100 8.65 12.34 0.01
N ARG A 101 9.97 12.14 -0.13
N ARG A 101 9.96 12.15 -0.12
CA ARG A 101 10.92 13.12 0.38
CA ARG A 101 10.91 13.12 0.39
C ARG A 101 10.73 14.46 -0.31
C ARG A 101 10.77 14.47 -0.32
N HIS A 102 10.43 14.45 -1.62
CA HIS A 102 10.20 15.70 -2.32
C HIS A 102 8.88 16.35 -1.90
N CYS A 103 7.96 15.62 -1.27
CA CYS A 103 6.76 16.26 -0.71
C CYS A 103 6.91 16.70 0.75
N ASN A 104 8.11 16.75 1.30
CA ASN A 104 8.27 16.97 2.74
C ASN A 104 7.60 18.27 3.18
N GLY A 105 6.74 18.18 4.19
CA GLY A 105 6.08 19.34 4.75
C GLY A 105 4.96 19.91 3.90
N LYS A 106 4.56 19.23 2.82
CA LYS A 106 3.53 19.70 1.92
C LYS A 106 2.31 18.78 1.86
N LEU A 107 2.34 17.63 2.53
CA LEU A 107 1.22 16.70 2.57
C LEU A 107 0.46 16.91 3.88
N GLY A 108 -0.61 17.70 3.82
CA GLY A 108 -1.32 18.07 5.03
C GLY A 108 -0.40 18.75 6.02
N SER A 109 -0.49 18.34 7.28
CA SER A 109 0.41 18.79 8.32
C SER A 109 1.35 17.68 8.77
N TYR A 110 1.43 16.59 8.02
CA TYR A 110 2.25 15.47 8.41
C TYR A 110 3.74 15.81 8.27
N LYS A 111 4.56 15.12 9.05
CA LYS A 111 6.01 15.17 8.96
C LYS A 111 6.48 13.73 8.75
N ILE A 112 6.65 13.34 7.50
CA ILE A 112 6.90 11.95 7.15
C ILE A 112 8.40 11.68 7.22
N ASN A 113 8.79 10.80 8.15
CA ASN A 113 10.18 10.46 8.40
C ASN A 113 10.51 8.99 8.18
N GLY A 114 9.52 8.14 7.94
CA GLY A 114 9.79 6.72 7.81
C GLY A 114 8.60 5.99 7.23
N ARG A 115 8.77 4.69 7.06
CA ARG A 115 7.74 3.88 6.43
C ARG A 115 7.91 2.42 6.85
N THR A 116 6.89 1.63 6.57
CA THR A 116 6.97 0.19 6.70
C THR A 116 7.91 -0.38 5.65
N LYS A 117 8.30 -1.64 5.84
CA LYS A 117 8.81 -2.42 4.73
C LYS A 117 7.72 -2.52 3.66
N ALA A 118 8.11 -3.02 2.49
CA ALA A 118 7.12 -3.22 1.43
C ALA A 118 6.37 -4.53 1.64
N MET A 119 5.04 -4.45 1.65
CA MET A 119 4.17 -5.62 1.63
C MET A 119 3.94 -6.03 0.18
N VAL A 120 4.54 -7.13 -0.25
CA VAL A 120 4.21 -7.74 -1.53
C VAL A 120 3.01 -8.62 -1.29
N ALA A 121 1.90 -8.35 -2.01
CA ALA A 121 0.61 -8.98 -1.74
C ALA A 121 0.07 -9.63 -3.00
N CYS A 122 -0.55 -10.80 -2.79
CA CYS A 122 -1.17 -11.58 -3.86
C CYS A 122 -2.56 -12.01 -3.43
N TYR A 123 -3.57 -11.61 -4.22
CA TYR A 123 -4.88 -12.25 -4.13
C TYR A 123 -4.90 -13.37 -5.17
N PRO A 124 -4.96 -14.65 -4.75
CA PRO A 124 -4.79 -15.77 -5.69
C PRO A 124 -6.06 -16.16 -6.44
N GLY A 125 -6.73 -15.16 -7.02
CA GLY A 125 -7.96 -15.46 -7.72
C GLY A 125 -8.98 -16.06 -6.77
N ASN A 126 -9.81 -16.95 -7.31
CA ASN A 126 -10.77 -17.70 -6.52
C ASN A 126 -11.72 -16.78 -5.74
N GLY A 127 -11.93 -15.56 -6.21
CA GLY A 127 -12.84 -14.65 -5.56
C GLY A 127 -12.35 -14.04 -4.27
N THR A 128 -11.06 -14.16 -3.95
CA THR A 128 -10.54 -13.53 -2.74
C THR A 128 -10.54 -12.01 -2.89
N GLY A 129 -10.76 -11.33 -1.77
CA GLY A 129 -10.68 -9.90 -1.73
C GLY A 129 -10.43 -9.42 -0.32
N TYR A 130 -10.80 -8.17 -0.06
CA TYR A 130 -10.59 -7.54 1.24
C TYR A 130 -11.84 -6.75 1.57
N VAL A 131 -12.48 -7.07 2.69
CA VAL A 131 -13.73 -6.43 3.10
C VAL A 131 -13.48 -4.94 3.30
N ARG A 132 -14.56 -4.16 3.37
CA ARG A 132 -14.43 -2.72 3.61
C ARG A 132 -13.66 -2.48 4.90
N HIS A 133 -12.69 -1.57 4.84
CA HIS A 133 -11.81 -1.33 5.98
C HIS A 133 -11.12 0.01 5.83
N VAL A 134 -10.49 0.44 6.92
CA VAL A 134 -9.61 1.60 6.97
C VAL A 134 -8.21 1.10 7.32
N ASP A 135 -7.20 1.58 6.58
CA ASP A 135 -5.84 1.08 6.81
C ASP A 135 -5.36 1.43 8.21
N ASN A 136 -5.59 2.66 8.66
CA ASN A 136 -5.14 3.12 9.99
C ASN A 136 -6.29 3.82 10.69
N PRO A 137 -7.14 3.07 11.40
CA PRO A 137 -8.32 3.69 12.01
C PRO A 137 -8.10 4.30 13.38
N ASN A 138 -7.05 3.86 14.09
CA ASN A 138 -6.90 4.24 15.50
C ASN A 138 -5.51 4.81 15.79
N GLY A 139 -4.88 5.38 14.77
CA GLY A 139 -3.70 6.21 14.96
C GLY A 139 -2.40 5.50 15.22
N ASP A 140 -2.06 4.49 14.40
CA ASP A 140 -0.83 3.74 14.59
C ASP A 140 0.36 4.36 13.86
N GLY A 141 0.18 5.55 13.28
CA GLY A 141 1.24 6.30 12.66
C GLY A 141 1.15 6.41 11.16
N ARG A 142 0.42 5.52 10.50
CA ARG A 142 0.37 5.53 9.05
C ARG A 142 -0.49 6.70 8.57
N CYS A 143 0.06 7.52 7.68
CA CYS A 143 -0.68 8.64 7.11
C CYS A 143 -0.88 8.54 5.61
N VAL A 144 0.02 7.90 4.88
CA VAL A 144 -0.09 7.77 3.43
C VAL A 144 0.08 6.31 3.04
N THR A 145 -0.84 5.79 2.25
CA THR A 145 -0.74 4.47 1.65
C THR A 145 -0.26 4.64 0.21
N CYS A 146 0.76 3.87 -0.15
CA CYS A 146 1.36 3.91 -1.48
C CYS A 146 1.35 2.50 -2.05
N ILE A 147 0.71 2.34 -3.21
CA ILE A 147 0.51 1.04 -3.83
C ILE A 147 1.00 1.08 -5.26
N TYR A 148 1.78 0.06 -5.64
CA TYR A 148 2.21 -0.14 -7.02
C TYR A 148 1.60 -1.45 -7.52
N TYR A 149 0.88 -1.37 -8.64
CA TYR A 149 0.25 -2.52 -9.26
C TYR A 149 1.10 -3.00 -10.44
N LEU A 150 1.11 -4.30 -10.66
CA LEU A 150 1.96 -4.92 -11.69
C LEU A 150 1.23 -6.04 -12.41
N ASN A 151 -0.05 -5.82 -12.72
CA ASN A 151 -0.90 -6.86 -13.30
C ASN A 151 -1.04 -6.60 -14.79
N LYS A 152 -0.08 -7.10 -15.55
CA LYS A 152 -0.15 -7.02 -17.00
C LYS A 152 -1.26 -7.93 -17.52
N ASP A 153 -2.03 -7.44 -18.48
CA ASP A 153 -3.14 -8.14 -19.11
C ASP A 153 -4.37 -8.20 -18.21
N TRP A 154 -4.39 -7.52 -17.08
CA TRP A 154 -5.57 -7.52 -16.23
C TRP A 154 -6.75 -6.88 -16.95
N ASP A 155 -7.89 -7.56 -16.94
CA ASP A 155 -9.15 -7.01 -17.46
C ASP A 155 -10.14 -7.04 -16.30
N ALA A 156 -10.28 -5.89 -15.63
CA ALA A 156 -11.04 -5.84 -14.38
C ALA A 156 -12.51 -6.16 -14.60
N LYS A 157 -13.05 -5.93 -15.79
CA LYS A 157 -14.45 -6.25 -16.02
C LYS A 157 -14.70 -7.75 -15.98
N VAL A 158 -13.68 -8.56 -16.27
CA VAL A 158 -13.79 -10.01 -16.17
C VAL A 158 -13.17 -10.52 -14.87
N SER A 159 -11.96 -10.06 -14.53
CA SER A 159 -11.20 -10.59 -13.41
C SER A 159 -11.41 -9.84 -12.10
N GLY A 160 -12.15 -8.73 -12.12
CA GLY A 160 -12.45 -8.03 -10.88
C GLY A 160 -11.21 -7.41 -10.27
N GLY A 161 -11.15 -7.45 -8.94
CA GLY A 161 -10.00 -6.91 -8.23
C GLY A 161 -9.95 -5.41 -8.13
N ILE A 162 -11.06 -4.71 -8.36
CA ILE A 162 -11.05 -3.26 -8.33
C ILE A 162 -10.93 -2.79 -6.89
N LEU A 163 -10.05 -1.82 -6.65
CA LEU A 163 -10.00 -1.12 -5.37
C LEU A 163 -11.06 -0.02 -5.39
N ARG A 164 -12.03 -0.11 -4.49
CA ARG A 164 -13.05 0.94 -4.38
C ARG A 164 -12.81 1.71 -3.10
N ILE A 165 -12.57 3.02 -3.23
CA ILE A 165 -12.37 3.93 -2.12
C ILE A 165 -13.60 4.80 -1.98
N PHE A 166 -14.02 5.05 -0.75
CA PHE A 166 -15.14 5.91 -0.46
C PHE A 166 -14.59 7.19 0.18
N PRO A 167 -13.96 8.07 -0.60
CA PRO A 167 -13.35 9.28 0.00
C PRO A 167 -14.39 10.12 0.71
N GLU A 168 -14.06 10.51 1.95
CA GLU A 168 -15.00 11.22 2.79
C GLU A 168 -15.41 12.55 2.15
N GLY A 169 -16.70 12.84 2.19
CA GLY A 169 -17.23 14.11 1.74
C GLY A 169 -17.40 14.24 0.25
N LYS A 170 -17.16 13.19 -0.52
CA LYS A 170 -17.25 13.25 -1.97
C LYS A 170 -18.57 12.66 -2.45
N ALA A 171 -19.06 13.19 -3.58
CA ALA A 171 -20.32 12.75 -4.16
C ALA A 171 -20.17 11.45 -4.96
N GLN A 172 -18.95 10.99 -5.20
CA GLN A 172 -18.68 9.79 -5.96
C GLN A 172 -17.59 9.01 -5.25
N PHE A 173 -17.66 7.68 -5.33
CA PHE A 173 -16.51 6.92 -4.86
C PHE A 173 -15.49 6.78 -5.99
N ALA A 174 -14.31 6.32 -5.63
CA ALA A 174 -13.17 6.26 -6.55
C ALA A 174 -12.85 4.80 -6.83
N ASP A 175 -12.97 4.39 -8.09
CA ASP A 175 -12.68 3.04 -8.51
C ASP A 175 -11.30 3.03 -9.18
N ILE A 176 -10.37 2.26 -8.61
CA ILE A 176 -9.00 2.16 -9.09
C ILE A 176 -8.81 0.72 -9.55
N GLU A 177 -8.65 0.54 -10.87
CA GLU A 177 -8.30 -0.77 -11.37
C GLU A 177 -6.82 -1.04 -11.07
N PRO A 178 -6.44 -2.30 -10.81
CA PRO A 178 -5.06 -2.64 -10.47
C PRO A 178 -4.15 -2.71 -11.69
N LYS A 179 -4.07 -1.59 -12.41
CA LYS A 179 -3.44 -1.57 -13.72
C LYS A 179 -1.92 -1.71 -13.61
N PHE A 180 -1.34 -2.42 -14.58
CA PHE A 180 0.11 -2.57 -14.66
C PHE A 180 0.81 -1.21 -14.63
N ASP A 181 1.82 -1.10 -13.77
CA ASP A 181 2.69 0.08 -13.68
C ASP A 181 1.96 1.31 -13.17
N ARG A 182 0.89 1.12 -12.41
CA ARG A 182 0.15 2.22 -11.80
C ARG A 182 0.62 2.41 -10.36
N LEU A 183 0.88 3.67 -9.99
CA LEU A 183 1.20 4.04 -8.62
C LEU A 183 0.02 4.81 -8.03
N LEU A 184 -0.27 4.56 -6.76
CA LEU A 184 -1.44 5.12 -6.10
C LEU A 184 -1.04 5.61 -4.72
N PHE A 185 -1.49 6.81 -4.36
CA PHE A 185 -1.35 7.35 -3.02
C PHE A 185 -2.75 7.64 -2.46
N PHE A 186 -2.96 7.38 -1.17
CA PHE A 186 -4.15 7.92 -0.52
C PHE A 186 -3.94 8.01 0.99
N TRP A 187 -4.67 8.93 1.63
CA TRP A 187 -4.60 9.03 3.08
C TRP A 187 -5.00 7.69 3.69
N SER A 188 -4.21 7.22 4.67
CA SER A 188 -4.45 5.93 5.29
C SER A 188 -5.55 5.95 6.34
N ASP A 189 -5.92 7.13 6.84
CA ASP A 189 -6.84 7.22 7.97
C ASP A 189 -8.29 7.11 7.49
N ARG A 190 -9.23 7.44 8.37
CA ARG A 190 -10.65 7.18 8.13
C ARG A 190 -11.23 7.98 6.98
N ARG A 191 -10.47 8.89 6.37
CA ARG A 191 -10.98 9.62 5.22
C ARG A 191 -11.19 8.71 4.01
N ASN A 192 -10.51 7.57 3.95
CA ASN A 192 -10.54 6.69 2.78
C ASN A 192 -10.82 5.25 3.18
N PRO A 193 -12.02 4.96 3.68
CA PRO A 193 -12.46 3.56 3.74
C PRO A 193 -12.43 2.97 2.35
N HIS A 194 -12.06 1.70 2.25
CA HIS A 194 -11.94 1.10 0.94
C HIS A 194 -12.08 -0.41 1.03
N GLU A 195 -12.18 -1.03 -0.14
CA GLU A 195 -12.38 -2.46 -0.26
C GLU A 195 -11.71 -2.94 -1.54
N VAL A 196 -11.24 -4.18 -1.52
CA VAL A 196 -10.70 -4.83 -2.70
C VAL A 196 -11.75 -5.84 -3.17
N GLN A 197 -12.42 -5.52 -4.27
CA GLN A 197 -13.50 -6.36 -4.76
C GLN A 197 -12.93 -7.71 -5.22
N PRO A 198 -13.75 -8.76 -5.21
CA PRO A 198 -13.20 -10.11 -5.43
C PRO A 198 -12.41 -10.22 -6.73
N ALA A 199 -11.29 -10.93 -6.67
CA ALA A 199 -10.43 -11.16 -7.81
C ALA A 199 -10.58 -12.60 -8.29
N TYR A 200 -10.78 -12.77 -9.60
CA TYR A 200 -10.93 -14.09 -10.20
C TYR A 200 -9.73 -14.46 -11.08
N ALA A 201 -8.62 -13.74 -10.89
CA ALA A 201 -7.33 -14.09 -11.46
C ALA A 201 -6.28 -13.64 -10.47
N THR A 202 -5.05 -14.12 -10.66
CA THR A 202 -3.98 -13.81 -9.72
C THR A 202 -3.65 -12.32 -9.79
N ARG A 203 -3.74 -11.63 -8.66
CA ARG A 203 -3.62 -10.17 -8.58
C ARG A 203 -2.45 -9.83 -7.66
N TYR A 204 -1.48 -9.06 -8.16
CA TYR A 204 -0.30 -8.68 -7.40
C TYR A 204 -0.26 -7.17 -7.17
N ALA A 205 0.21 -6.78 -5.99
CA ALA A 205 0.51 -5.38 -5.70
C ALA A 205 1.64 -5.30 -4.69
N ILE A 206 2.25 -4.12 -4.59
CA ILE A 206 3.27 -3.84 -3.57
C ILE A 206 2.84 -2.58 -2.83
N ILE A 207 2.75 -2.67 -1.50
CA ILE A 207 2.20 -1.61 -0.68
C ILE A 207 3.25 -1.16 0.33
N VAL A 208 3.42 0.14 0.48
CA VAL A 208 4.18 0.70 1.58
C VAL A 208 3.31 1.74 2.27
N TRP A 209 3.41 1.79 3.59
CA TRP A 209 2.72 2.80 4.38
C TRP A 209 3.75 3.77 4.95
N TYR A 210 3.55 5.06 4.69
CA TYR A 210 4.43 6.09 5.21
C TYR A 210 3.90 6.62 6.53
N PHE A 211 4.82 6.87 7.46
CA PHE A 211 4.50 7.24 8.84
C PHE A 211 4.62 8.74 9.05
N ASP A 212 3.68 9.29 9.82
CA ASP A 212 3.86 10.61 10.40
C ASP A 212 4.67 10.47 11.68
N ALA A 213 5.72 11.28 11.81
CA ALA A 213 6.66 11.08 12.91
C ALA A 213 5.96 11.15 14.27
N ASP A 214 5.16 12.19 14.50
CA ASP A 214 4.54 12.38 15.81
C ASP A 214 3.55 11.27 16.13
N GLU A 215 2.65 10.98 15.18
CA GLU A 215 1.65 9.95 15.43
C GLU A 215 2.32 8.59 15.65
N ARG A 216 3.35 8.29 14.86
CA ARG A 216 4.06 7.02 15.00
C ARG A 216 4.75 6.92 16.35
N ALA A 217 5.36 8.02 16.82
CA ALA A 217 5.97 8.01 18.14
C ALA A 217 4.92 7.73 19.23
N ARG A 218 3.76 8.37 19.14
CA ARG A 218 2.71 8.11 20.13
C ARG A 218 2.24 6.65 20.07
N ALA A 219 2.09 6.11 18.86
CA ALA A 219 1.65 4.72 18.73
C ALA A 219 2.67 3.75 19.32
N LYS A 220 3.95 4.00 19.06
CA LYS A 220 4.99 3.17 19.64
C LYS A 220 5.01 3.27 21.15
N VAL A 221 4.78 4.48 21.68
CA VAL A 221 4.72 4.63 23.13
C VAL A 221 3.58 3.79 23.69
N LYS A 222 2.40 3.86 23.06
CA LYS A 222 1.28 3.06 23.52
C LYS A 222 1.62 1.57 23.49
N TYR A 223 2.28 1.12 22.43
CA TYR A 223 2.65 -0.29 22.32
C TYR A 223 3.67 -0.69 23.39
N LEU A 224 4.72 0.10 23.56
CA LEU A 224 5.83 -0.27 24.44
C LEU A 224 5.46 -0.23 25.91
N THR A 225 4.40 0.50 26.27
CA THR A 225 3.90 0.53 27.63
C THR A 225 2.73 -0.42 27.85
N GLY A 226 2.41 -1.25 26.86
CA GLY A 226 1.25 -2.11 26.92
C GLY A 226 0.05 -1.46 26.26
N LEU B 1 -18.12 -0.97 15.52
CA LEU B 1 -17.16 -2.06 15.44
C LEU B 1 -15.74 -1.55 15.66
N ASP B 2 -14.89 -2.36 16.27
CA ASP B 2 -13.47 -2.05 16.38
C ASP B 2 -12.87 -2.20 14.99
N LEU B 3 -12.59 -1.07 14.33
CA LEU B 3 -12.04 -1.12 12.99
C LEU B 3 -10.64 -1.71 12.96
N GLU B 4 -9.94 -1.76 14.10
CA GLU B 4 -8.62 -2.37 14.10
C GLU B 4 -8.69 -3.87 13.82
N THR B 5 -9.86 -4.49 14.02
CA THR B 5 -10.03 -5.88 13.64
C THR B 5 -10.10 -6.08 12.14
N LEU B 6 -10.22 -5.00 11.37
CA LEU B 6 -10.25 -5.07 9.92
C LEU B 6 -9.02 -4.45 9.26
N ALA B 7 -8.14 -3.83 10.04
CA ALA B 7 -7.05 -3.05 9.46
C ALA B 7 -5.86 -3.97 9.16
N PRO B 8 -5.16 -3.72 8.04
CA PRO B 8 -4.00 -4.55 7.70
C PRO B 8 -2.88 -4.41 8.72
N TYR B 9 -2.28 -5.55 9.07
CA TYR B 9 -1.25 -5.57 10.11
C TYR B 9 0.04 -4.92 9.64
N ILE B 10 0.69 -4.19 10.54
CA ILE B 10 2.08 -3.78 10.37
C ILE B 10 2.84 -4.09 11.65
N PRO B 11 4.14 -4.41 11.58
CA PRO B 11 4.92 -4.54 12.82
C PRO B 11 4.90 -3.25 13.61
N MET B 12 4.50 -3.37 14.89
CA MET B 12 4.59 -2.27 15.85
C MET B 12 5.92 -2.28 16.57
N ASP B 13 6.46 -3.47 16.76
CA ASP B 13 7.70 -3.71 17.47
C ASP B 13 8.78 -3.95 16.45
N GLY B 14 9.96 -4.36 16.91
CA GLY B 14 11.00 -4.35 15.92
C GLY B 14 10.97 -2.98 15.30
N GLU B 15 11.43 -2.83 14.07
CA GLU B 15 11.74 -1.45 13.77
C GLU B 15 11.47 -1.09 12.31
N ASP B 16 11.28 0.23 12.09
CA ASP B 16 10.76 0.85 10.88
C ASP B 16 11.90 1.34 9.99
N PHE B 17 11.58 1.65 8.73
CA PHE B 17 12.56 2.24 7.83
C PHE B 17 12.57 3.75 7.99
N GLN B 18 13.75 4.33 8.14
CA GLN B 18 13.90 5.77 8.27
C GLN B 18 14.34 6.37 6.94
N LEU B 19 13.63 7.42 6.52
CA LEU B 19 13.83 8.00 5.20
C LEU B 19 14.97 9.01 5.19
FE FE C . -6.28 -1.26 2.72
C1 AKG D . -4.72 -3.28 2.04
O1 AKG D . -3.89 -4.18 1.99
O2 AKG D . -4.99 -2.58 3.11
C2 AKG D . -5.55 -2.91 0.80
O5 AKG D . -6.55 -2.20 0.93
C3 AKG D . -5.09 -3.41 -0.55
C4 AKG D . -5.51 -2.48 -1.69
C5 AKG D . -5.12 -3.00 -3.05
O3 AKG D . -4.43 -3.97 -3.23
O4 AKG D . -5.64 -2.29 -4.03
H31 AKG D . -5.47 -4.28 -0.71
H32 AKG D . -4.12 -3.46 -0.54
H41 AKG D . -5.08 -1.62 -1.56
H42 AKG D . -6.47 -2.38 -1.65
#